data_4Q51
#
_entry.id   4Q51
#
_cell.length_a   69.402
_cell.length_b   46.163
_cell.length_c   77.293
_cell.angle_alpha   90.00
_cell.angle_beta   99.14
_cell.angle_gamma   90.00
#
_symmetry.space_group_name_H-M   'P 1 21 1'
#
loop_
_entity.id
_entity.type
_entity.pdbx_description
1 polymer 'Uncharacterized protein'
2 non-polymer 'CALCIUM ION'
3 water water
#
_entity_poly.entity_id   1
_entity_poly.type   'polypeptide(L)'
_entity_poly.pdbx_seq_one_letter_code
;(MSE)HHHHHHQDPVFIQVGALADGFAPEANTLAPVDALVGRTLALEDASGAWRVHTFEPGALQWRDAATDTGGRAPCRV
TRLRDGLYFVDYIDTTARATSVSLVIDLDNGVWTSVVGTLPTEADTRIDAFTRVARGLPLTAVDAQFRHGTLGGHARPGP
LHAPTRELIGKRT(MSE)YRYSPTECYEHIYLNENFYAWQCLQGVEGGLADVDRCHYFK(MSE)ADELYLFVWREKVVPT
LGVVLIDLAQRKTDGKIFGYQGGDFGTLSNFQIGAYAQVLNETVHPLGGEAQR
;
_entity_poly.pdbx_strand_id   A,B
#
# COMPACT_ATOMS: atom_id res chain seq x y z
N VAL A 11 11.01 -9.24 -1.02
CA VAL A 11 11.19 -9.88 0.34
C VAL A 11 11.06 -8.93 1.55
N PHE A 12 10.07 -9.21 2.42
CA PHE A 12 9.84 -8.41 3.62
C PHE A 12 10.72 -8.89 4.80
N ILE A 13 11.08 -7.98 5.69
CA ILE A 13 12.12 -8.29 6.71
C ILE A 13 11.61 -7.91 8.09
N GLN A 14 12.18 -8.57 9.08
CA GLN A 14 11.77 -8.39 10.47
C GLN A 14 12.33 -7.08 11.01
N VAL A 15 11.62 -6.53 11.98
CA VAL A 15 11.99 -5.24 12.56
C VAL A 15 13.40 -5.23 13.20
N GLY A 16 13.83 -6.32 13.83
CA GLY A 16 15.22 -6.42 14.35
C GLY A 16 16.26 -6.27 13.25
N ALA A 17 16.01 -6.84 12.06
CA ALA A 17 16.92 -6.62 10.90
C ALA A 17 16.81 -5.20 10.32
N LEU A 18 15.61 -4.62 10.37
CA LEU A 18 15.46 -3.21 10.07
C LEU A 18 16.31 -2.31 10.99
N ALA A 19 16.22 -2.55 12.29
CA ALA A 19 17.04 -1.87 13.27
C ALA A 19 18.52 -1.92 12.94
N ASP A 20 19.02 -3.12 12.64
CA ASP A 20 20.41 -3.27 12.23
C ASP A 20 20.76 -2.39 11.01
N GLY A 21 19.88 -2.32 10.02
CA GLY A 21 20.12 -1.47 8.83
C GLY A 21 20.10 0.02 9.17
N PHE A 22 19.26 0.41 10.10
CA PHE A 22 19.16 1.83 10.51
C PHE A 22 20.21 2.30 11.49
N ALA A 23 20.96 1.36 12.09
CA ALA A 23 21.86 1.70 13.19
C ALA A 23 22.96 2.70 12.80
N PRO A 24 23.74 2.39 11.75
CA PRO A 24 24.99 3.10 11.51
C PRO A 24 24.81 4.35 10.70
N GLU A 25 25.55 5.39 11.09
CA GLU A 25 25.54 6.68 10.38
C GLU A 25 24.13 7.31 10.26
N ALA A 26 23.31 7.05 11.25
CA ALA A 26 21.94 7.51 11.25
C ALA A 26 21.87 9.02 11.54
N ASN A 27 20.87 9.67 10.97
CA ASN A 27 20.68 11.12 11.13
C ASN A 27 19.84 11.39 12.38
N THR A 28 20.11 10.62 13.43
CA THR A 28 19.33 10.71 14.69
C THR A 28 19.76 11.90 15.57
N LEU A 29 18.81 12.50 16.31
CA LEU A 29 19.15 13.61 17.22
C LEU A 29 19.80 13.08 18.50
N ALA A 30 20.72 13.85 19.07
CA ALA A 30 21.33 13.45 20.31
C ALA A 30 20.33 13.82 21.43
N PRO A 31 20.13 12.90 22.37
CA PRO A 31 19.29 13.13 23.52
C PRO A 31 19.72 14.26 24.37
N VAL A 32 18.77 14.85 25.06
CA VAL A 32 18.95 16.00 25.91
C VAL A 32 18.55 15.59 27.33
N ASP A 33 19.13 16.24 28.34
CA ASP A 33 18.90 15.90 29.76
C ASP A 33 18.01 16.99 30.38
N ALA A 34 17.45 17.83 29.53
CA ALA A 34 16.75 19.02 29.95
C ALA A 34 15.55 18.72 30.88
N LEU A 35 15.02 17.51 30.88
CA LEU A 35 13.88 17.20 31.78
C LEU A 35 14.29 16.54 33.14
N VAL A 36 15.55 16.21 33.27
CA VAL A 36 16.07 15.59 34.48
C VAL A 36 15.78 16.46 35.67
N GLY A 37 15.18 15.81 36.67
CA GLY A 37 14.75 16.51 37.90
C GLY A 37 13.35 17.04 37.85
N ARG A 38 12.69 16.99 36.69
CA ARG A 38 11.32 17.45 36.58
C ARG A 38 10.41 16.29 36.86
N THR A 39 9.26 16.65 37.41
CA THR A 39 8.14 15.75 37.63
C THR A 39 6.98 16.40 36.91
N LEU A 40 6.52 15.77 35.86
CA LEU A 40 5.47 16.34 35.01
C LEU A 40 4.19 15.55 35.18
N ALA A 41 3.14 16.24 35.64
CA ALA A 41 1.82 15.67 35.85
C ALA A 41 0.95 15.80 34.59
N LEU A 42 0.83 14.70 33.88
CA LEU A 42 0.06 14.70 32.65
C LEU A 42 -1.41 14.44 32.96
N GLU A 43 -2.23 15.44 32.69
CA GLU A 43 -3.66 15.38 32.92
C GLU A 43 -4.42 15.53 31.62
N ASP A 44 -5.56 14.88 31.52
CA ASP A 44 -6.39 15.01 30.32
C ASP A 44 -7.86 15.08 30.71
N ALA A 45 -8.79 14.98 29.76
CA ALA A 45 -10.19 15.21 30.08
C ALA A 45 -10.76 14.08 30.98
N SER A 46 -10.14 12.91 30.95
CA SER A 46 -10.51 11.79 31.83
C SER A 46 -9.98 12.00 33.27
N GLY A 47 -9.05 12.91 33.47
CA GLY A 47 -8.47 13.15 34.80
C GLY A 47 -6.96 13.02 34.79
N ALA A 48 -6.34 12.90 35.95
CA ALA A 48 -4.89 12.76 36.00
C ALA A 48 -4.59 11.43 35.28
N TRP A 49 -3.62 11.42 34.39
CA TRP A 49 -3.25 10.18 33.69
C TRP A 49 -1.98 9.55 34.28
N ARG A 50 -0.86 10.22 34.13
CA ARG A 50 0.41 9.59 34.50
C ARG A 50 1.41 10.65 34.92
N VAL A 51 2.06 10.45 36.07
CA VAL A 51 3.13 11.32 36.48
C VAL A 51 4.44 10.72 36.02
N HIS A 52 5.27 11.57 35.42
CA HIS A 52 6.57 11.17 34.92
C HIS A 52 7.68 11.97 35.60
N THR A 53 8.64 11.28 36.16
CA THR A 53 9.73 11.90 36.86
C THR A 53 10.98 11.48 36.15
N PHE A 54 11.78 12.44 35.74
CA PHE A 54 12.87 12.11 34.86
C PHE A 54 14.21 12.13 35.59
N GLU A 55 15.02 11.16 35.23
CA GLU A 55 16.39 10.99 35.70
C GLU A 55 17.27 10.93 34.48
N PRO A 56 18.59 10.93 34.66
CA PRO A 56 19.50 10.79 33.50
C PRO A 56 19.29 9.46 32.77
N GLY A 57 18.92 9.52 31.49
CA GLY A 57 18.70 8.28 30.70
C GLY A 57 17.46 7.43 31.03
N ALA A 58 16.64 7.85 31.99
CA ALA A 58 15.56 7.01 32.53
C ALA A 58 14.44 7.83 33.11
N LEU A 59 13.32 7.18 33.30
CA LEU A 59 12.22 7.85 33.97
C LEU A 59 11.50 6.88 34.86
N GLN A 60 10.81 7.45 35.84
CA GLN A 60 9.87 6.73 36.64
C GLN A 60 8.52 7.27 36.34
N TRP A 61 7.58 6.38 36.15
CA TRP A 61 6.23 6.82 35.83
C TRP A 61 5.26 6.20 36.80
N ARG A 62 4.21 6.93 37.12
CA ARG A 62 3.18 6.48 38.07
C ARG A 62 1.84 6.83 37.53
N ASP A 63 1.02 5.79 37.39
CA ASP A 63 -0.33 6.08 37.04
C ASP A 63 -0.83 6.93 38.23
N ALA A 64 -1.44 8.05 37.90
CA ALA A 64 -1.77 9.03 38.91
C ALA A 64 -2.80 8.44 39.92
N ALA A 65 -3.72 7.63 39.41
CA ALA A 65 -4.72 6.97 40.26
C ALA A 65 -4.10 5.93 41.24
N THR A 66 -3.50 4.88 40.70
CA THR A 66 -3.05 3.73 41.52
C THR A 66 -1.65 3.93 42.15
N ASP A 67 -0.94 4.96 41.68
CA ASP A 67 0.45 5.17 42.06
C ASP A 67 1.27 3.90 41.70
N THR A 68 0.80 3.20 40.65
CA THR A 68 1.42 1.98 40.08
C THR A 68 2.18 2.45 38.84
N GLY A 69 3.43 2.06 38.69
CA GLY A 69 4.12 2.26 37.46
C GLY A 69 5.37 1.46 37.23
N GLY A 70 6.39 2.12 36.76
CA GLY A 70 7.62 1.47 36.52
C GLY A 70 8.71 2.47 36.30
N ARG A 71 9.88 1.91 36.07
CA ARG A 71 11.03 2.68 35.67
C ARG A 71 11.47 2.09 34.34
N ALA A 72 11.90 2.96 33.44
CA ALA A 72 12.38 2.50 32.17
C ALA A 72 13.44 3.40 31.67
N PRO A 73 14.42 2.81 30.99
CA PRO A 73 15.29 3.59 30.15
C PRO A 73 14.44 4.45 29.23
N CYS A 74 14.84 5.68 28.99
CA CYS A 74 14.03 6.48 28.13
C CYS A 74 14.88 7.39 27.35
N ARG A 75 14.38 7.72 26.17
CA ARG A 75 15.04 8.71 25.29
C ARG A 75 14.24 9.97 25.32
N VAL A 76 14.92 11.11 25.41
CA VAL A 76 14.25 12.41 25.32
C VAL A 76 15.02 13.18 24.27
N THR A 77 14.32 13.67 23.26
CA THR A 77 14.95 14.45 22.24
C THR A 77 14.17 15.72 22.04
N ARG A 78 14.85 16.70 21.52
CA ARG A 78 14.29 17.97 21.28
C ARG A 78 14.53 18.50 19.85
N LEU A 79 13.73 18.07 18.91
CA LEU A 79 13.86 18.48 17.55
C LEU A 79 13.60 19.98 17.39
N ARG A 80 12.51 20.44 17.94
CA ARG A 80 12.24 21.83 18.03
C ARG A 80 12.19 22.39 19.43
N ASP A 81 12.75 23.57 19.55
CA ASP A 81 12.90 24.20 20.83
C ASP A 81 11.57 24.28 21.52
N GLY A 82 11.55 23.84 22.76
CA GLY A 82 10.34 23.85 23.53
C GLY A 82 9.44 22.62 23.50
N LEU A 83 9.72 21.69 22.62
CA LEU A 83 8.95 20.48 22.54
C LEU A 83 9.89 19.28 22.64
N TYR A 84 9.50 18.33 23.44
CA TYR A 84 10.31 17.20 23.80
C TYR A 84 9.58 15.95 23.40
N PHE A 85 10.31 14.99 22.86
CA PHE A 85 9.74 13.72 22.49
C PHE A 85 10.35 12.72 23.45
N VAL A 86 9.51 12.00 24.17
CA VAL A 86 9.94 11.08 25.17
C VAL A 86 9.47 9.71 24.74
N ASP A 87 10.34 8.73 24.74
CA ASP A 87 9.94 7.40 24.33
C ASP A 87 10.48 6.32 25.27
N TYR A 88 9.63 5.38 25.67
CA TYR A 88 10.03 4.30 26.57
C TYR A 88 9.12 3.11 26.39
N ILE A 89 9.66 1.95 26.72
CA ILE A 89 8.88 0.71 26.73
C ILE A 89 8.24 0.58 28.12
N ASP A 90 6.95 0.25 28.12
CA ASP A 90 6.20 0.03 29.37
C ASP A 90 6.27 -1.45 29.64
N THR A 91 7.16 -1.84 30.57
CA THR A 91 7.44 -3.26 30.82
C THR A 91 6.42 -3.91 31.75
N THR A 92 5.45 -3.15 32.23
CA THR A 92 4.37 -3.74 33.02
C THR A 92 3.27 -4.31 32.14
N ALA A 93 3.38 -4.12 30.82
CA ALA A 93 2.38 -4.62 29.87
C ALA A 93 3.05 -5.41 28.75
N ARG A 94 2.25 -6.20 28.05
CA ARG A 94 2.78 -7.01 26.95
C ARG A 94 3.06 -6.05 25.78
N ALA A 95 4.29 -6.08 25.27
CA ALA A 95 4.66 -5.49 23.97
C ALA A 95 4.07 -4.10 23.77
N THR A 96 4.31 -3.24 24.76
CA THR A 96 3.77 -1.87 24.82
C THR A 96 4.84 -0.80 24.89
N SER A 97 4.73 0.17 24.00
CA SER A 97 5.52 1.35 24.08
C SER A 97 4.70 2.63 24.28
N VAL A 98 5.36 3.64 24.83
CA VAL A 98 4.69 4.86 25.19
C VAL A 98 5.58 5.98 24.63
N SER A 99 5.00 6.87 23.83
CA SER A 99 5.72 7.99 23.26
C SER A 99 4.96 9.21 23.66
N LEU A 100 5.64 10.23 24.16
CA LEU A 100 5.02 11.50 24.48
C LEU A 100 5.65 12.69 23.73
N VAL A 101 4.86 13.69 23.41
CA VAL A 101 5.38 14.93 22.94
C VAL A 101 4.85 15.91 23.98
N ILE A 102 5.78 16.63 24.59
CA ILE A 102 5.48 17.60 25.62
C ILE A 102 5.92 19.00 25.19
N ASP A 103 4.98 19.93 25.14
CA ASP A 103 5.27 21.33 24.83
C ASP A 103 5.27 22.10 26.16
N LEU A 104 6.48 22.34 26.67
CA LEU A 104 6.65 22.99 27.96
C LEU A 104 6.09 24.40 28.02
N ASP A 105 6.24 25.19 26.95
CA ASP A 105 5.81 26.59 27.03
C ASP A 105 4.30 26.75 26.89
N ASN A 106 3.67 25.89 26.10
CA ASN A 106 2.17 25.85 26.01
C ASN A 106 1.42 24.98 27.07
N GLY A 107 2.15 24.16 27.78
CA GLY A 107 1.52 23.31 28.81
C GLY A 107 0.65 22.19 28.29
N VAL A 108 0.98 21.62 27.10
CA VAL A 108 0.18 20.60 26.46
C VAL A 108 1.03 19.41 26.02
N TRP A 109 0.39 18.27 25.95
CA TRP A 109 1.09 17.01 25.65
C TRP A 109 0.18 16.09 24.88
N THR A 110 0.81 15.16 24.13
CA THR A 110 0.13 14.08 23.45
C THR A 110 0.85 12.80 23.81
N SER A 111 0.12 11.74 24.06
CA SER A 111 0.72 10.44 24.22
C SER A 111 0.22 9.49 23.14
N VAL A 112 1.08 8.57 22.82
CA VAL A 112 0.79 7.46 21.94
C VAL A 112 1.16 6.21 22.68
N VAL A 113 0.19 5.37 23.00
CA VAL A 113 0.46 4.11 23.70
C VAL A 113 0.21 3.02 22.67
N GLY A 114 1.26 2.32 22.31
CA GLY A 114 1.23 1.38 21.23
C GLY A 114 1.37 -0.04 21.68
N THR A 115 0.57 -0.94 21.11
CA THR A 115 0.66 -2.37 21.43
C THR A 115 0.78 -3.24 20.19
N LEU A 116 1.77 -4.13 20.21
CA LEU A 116 1.98 -5.07 19.15
C LEU A 116 1.07 -6.31 19.38
N PRO A 117 0.66 -6.98 18.31
CA PRO A 117 -0.32 -8.05 18.38
C PRO A 117 0.27 -9.34 18.86
N THR A 118 -0.58 -10.21 19.37
CA THR A 118 -0.16 -11.58 19.64
C THR A 118 -0.07 -12.36 18.34
N GLU A 119 0.48 -13.57 18.40
CA GLU A 119 0.51 -14.38 17.21
C GLU A 119 -0.88 -14.74 16.72
N ALA A 120 -1.79 -15.01 17.65
CA ALA A 120 -3.14 -15.43 17.24
C ALA A 120 -3.80 -14.29 16.45
N ASP A 121 -3.54 -13.07 16.83
CA ASP A 121 -4.09 -11.91 16.10
C ASP A 121 -3.52 -11.83 14.69
N THR A 122 -2.23 -11.97 14.58
CA THR A 122 -1.61 -11.92 13.24
C THR A 122 -2.07 -12.99 12.28
N ARG A 123 -2.51 -14.11 12.84
CA ARG A 123 -3.00 -15.21 12.03
C ARG A 123 -4.39 -15.05 11.50
N ILE A 124 -5.08 -13.99 11.87
CA ILE A 124 -6.33 -13.70 11.23
C ILE A 124 -5.98 -12.91 9.96
N ASP A 125 -6.18 -13.53 8.81
CA ASP A 125 -5.76 -12.96 7.57
C ASP A 125 -6.65 -11.76 7.16
N ALA A 126 -6.12 -10.97 6.24
CA ALA A 126 -6.75 -9.72 5.82
C ALA A 126 -8.14 -9.95 5.24
N PHE A 127 -8.31 -10.97 4.38
CA PHE A 127 -9.67 -11.21 3.81
C PHE A 127 -10.74 -11.57 4.90
N THR A 128 -10.38 -12.37 5.91
CA THR A 128 -11.22 -12.62 7.04
C THR A 128 -11.45 -11.34 7.86
N ARG A 129 -10.44 -10.48 7.97
CA ARG A 129 -10.62 -9.23 8.69
C ARG A 129 -11.62 -8.35 7.95
N VAL A 130 -11.53 -8.36 6.63
CA VAL A 130 -12.56 -7.72 5.77
C VAL A 130 -13.99 -8.27 6.05
N ALA A 131 -14.15 -9.58 5.96
CA ALA A 131 -15.38 -10.27 6.33
C ALA A 131 -15.96 -9.84 7.69
N ARG A 132 -15.09 -9.75 8.70
CA ARG A 132 -15.54 -9.38 10.05
C ARG A 132 -15.61 -7.90 10.37
N GLY A 133 -15.31 -7.03 9.43
CA GLY A 133 -15.23 -5.59 9.72
C GLY A 133 -14.14 -5.23 10.74
N LEU A 134 -13.05 -5.97 10.80
CA LEU A 134 -11.92 -5.65 11.71
C LEU A 134 -10.95 -4.81 10.94
N PRO A 135 -10.13 -4.00 11.61
CA PRO A 135 -9.02 -3.31 10.92
C PRO A 135 -8.00 -4.28 10.33
N LEU A 136 -7.33 -3.87 9.26
CA LEU A 136 -6.34 -4.76 8.63
C LEU A 136 -5.11 -4.86 9.52
N THR A 137 -4.77 -3.78 10.23
CA THR A 137 -3.60 -3.83 11.12
C THR A 137 -4.05 -4.30 12.48
N ALA A 138 -3.24 -5.17 13.07
CA ALA A 138 -3.45 -5.62 14.42
C ALA A 138 -2.58 -4.84 15.43
N VAL A 139 -1.77 -3.88 15.01
CA VAL A 139 -1.06 -3.03 15.90
C VAL A 139 -2.07 -2.00 16.39
N ASP A 140 -2.18 -1.86 17.71
CA ASP A 140 -3.09 -0.90 18.36
C ASP A 140 -2.33 0.37 18.77
N ALA A 141 -2.99 1.53 18.64
CA ALA A 141 -2.44 2.76 19.19
C ALA A 141 -3.56 3.58 19.86
N GLN A 142 -3.37 3.94 21.13
CA GLN A 142 -4.29 4.82 21.84
C GLN A 142 -3.64 6.21 21.95
N PHE A 143 -4.43 7.26 21.73
CA PHE A 143 -3.92 8.63 21.79
C PHE A 143 -4.60 9.39 22.90
N ARG A 144 -3.84 10.18 23.62
CA ARG A 144 -4.38 11.12 24.59
C ARG A 144 -3.76 12.47 24.33
N HIS A 145 -4.56 13.52 24.57
CA HIS A 145 -4.12 14.92 24.42
C HIS A 145 -4.59 15.69 25.66
N GLY A 146 -3.65 16.26 26.40
CA GLY A 146 -3.89 16.83 27.70
C GLY A 146 -3.11 18.09 27.97
N THR A 147 -3.16 18.55 29.22
CA THR A 147 -2.39 19.65 29.69
C THR A 147 -1.49 19.19 30.83
N LEU A 148 -0.52 20.03 31.15
CA LEU A 148 0.46 19.75 32.20
C LEU A 148 -0.10 20.32 33.50
N GLY A 149 -0.15 19.48 34.52
CA GLY A 149 -0.72 19.92 35.81
C GLY A 149 0.10 21.11 36.30
N GLY A 150 -0.54 22.14 36.80
CA GLY A 150 0.24 23.25 37.36
C GLY A 150 0.63 24.32 36.35
N HIS A 151 0.33 24.07 35.09
CA HIS A 151 0.59 25.05 34.11
C HIS A 151 -0.63 25.94 34.06
N ALA A 152 -0.51 27.22 34.40
CA ALA A 152 -1.59 28.16 34.22
C ALA A 152 -1.77 28.44 32.71
N ARG A 153 -3.01 28.53 32.29
CA ARG A 153 -3.36 28.98 30.94
C ARG A 153 -2.67 28.18 29.86
N PRO A 154 -2.94 26.91 29.85
CA PRO A 154 -2.34 26.09 28.81
C PRO A 154 -2.91 26.50 27.45
N GLY A 155 -2.09 26.32 26.43
CA GLY A 155 -2.48 26.43 25.02
C GLY A 155 -3.47 25.41 24.54
N PRO A 156 -3.86 25.48 23.26
CA PRO A 156 -4.83 24.52 22.72
C PRO A 156 -4.29 23.07 22.74
N LEU A 157 -5.17 22.12 22.98
CA LEU A 157 -4.79 20.73 22.84
C LEU A 157 -4.34 20.43 21.43
N HIS A 158 -3.40 19.52 21.33
CA HIS A 158 -3.10 18.97 20.02
C HIS A 158 -4.30 18.27 19.40
N ALA A 159 -4.39 18.32 18.08
CA ALA A 159 -5.51 17.79 17.41
C ALA A 159 -5.09 17.19 16.03
N PRO A 160 -5.95 16.35 15.43
CA PRO A 160 -5.67 15.87 14.09
C PRO A 160 -5.48 17.00 13.10
N THR A 161 -4.74 16.73 12.05
CA THR A 161 -4.43 17.73 11.07
C THR A 161 -4.53 17.14 9.69
N ARG A 162 -4.93 17.98 8.73
CA ARG A 162 -4.90 17.60 7.30
C ARG A 162 -3.71 18.17 6.50
N GLU A 163 -2.82 18.90 7.17
CA GLU A 163 -1.78 19.67 6.48
C GLU A 163 -0.71 18.83 5.74
N LEU A 164 -0.53 17.57 6.10
CA LEU A 164 0.44 16.75 5.34
C LEU A 164 -0.18 16.09 4.11
N ILE A 165 -1.50 15.99 4.09
CA ILE A 165 -2.16 15.22 3.05
C ILE A 165 -1.87 15.89 1.69
N GLY A 166 -1.47 15.04 0.75
CA GLY A 166 -1.09 15.47 -0.60
C GLY A 166 0.41 15.67 -0.84
N LYS A 167 1.21 15.68 0.21
CA LYS A 167 2.65 15.76 0.08
C LYS A 167 3.22 14.41 -0.18
N ARG A 168 4.30 14.42 -0.96
CA ARG A 168 5.18 13.32 -1.17
C ARG A 168 6.59 13.76 -0.75
N THR A 169 7.12 13.04 0.25
CA THR A 169 8.32 13.44 0.93
C THR A 169 9.34 12.33 1.01
N TYR A 171 12.87 10.90 2.84
CA TYR A 171 13.47 10.91 4.14
C TYR A 171 14.76 10.12 4.07
N ARG A 172 15.85 10.81 4.18
CA ARG A 172 17.12 10.18 4.22
C ARG A 172 17.52 9.89 5.63
N TYR A 173 17.40 8.65 6.03
CA TYR A 173 17.70 8.23 7.37
C TYR A 173 19.18 8.06 7.66
N SER A 174 19.92 7.76 6.62
CA SER A 174 21.37 7.63 6.73
C SER A 174 21.90 7.57 5.30
N PRO A 175 23.21 7.47 5.14
CA PRO A 175 23.68 7.35 3.74
C PRO A 175 23.20 6.09 3.05
N THR A 176 22.74 5.09 3.79
CA THR A 176 22.29 3.86 3.14
C THR A 176 20.79 3.56 3.22
N GLU A 177 20.05 4.35 4.01
CA GLU A 177 18.61 4.16 4.18
C GLU A 177 17.85 5.42 3.78
N CYS A 178 16.95 5.24 2.81
CA CYS A 178 16.12 6.32 2.29
C CYS A 178 14.73 5.76 1.93
N TYR A 179 13.70 6.40 2.43
CA TYR A 179 12.32 6.07 2.14
C TYR A 179 11.61 7.28 1.62
N GLU A 180 10.45 7.07 1.00
CA GLU A 180 9.57 8.16 0.72
C GLU A 180 8.23 7.80 1.30
N HIS A 181 7.48 8.83 1.72
CA HIS A 181 6.12 8.68 2.15
C HIS A 181 5.26 9.48 1.20
N ILE A 182 4.05 9.00 0.94
CA ILE A 182 3.04 9.73 0.16
C ILE A 182 1.82 9.75 1.05
N TYR A 183 1.51 10.91 1.56
CA TYR A 183 0.35 11.08 2.50
C TYR A 183 -0.91 11.17 1.67
N LEU A 184 -1.57 10.02 1.59
CA LEU A 184 -2.71 9.86 0.69
C LEU A 184 -3.97 10.54 1.13
N ASN A 185 -4.40 10.24 2.35
CA ASN A 185 -5.62 10.77 2.88
C ASN A 185 -5.58 10.73 4.40
N GLU A 186 -6.68 11.13 5.03
CA GLU A 186 -6.73 11.18 6.50
C GLU A 186 -6.40 9.89 7.23
N ASN A 187 -6.53 8.79 6.56
CA ASN A 187 -6.35 7.49 7.19
C ASN A 187 -5.18 6.60 6.70
N PHE A 188 -4.63 6.92 5.56
CA PHE A 188 -3.66 6.05 4.88
C PHE A 188 -2.51 6.85 4.25
N TYR A 189 -1.34 6.23 4.21
CA TYR A 189 -0.19 6.75 3.48
C TYR A 189 0.48 5.56 2.83
N ALA A 190 1.24 5.85 1.79
CA ALA A 190 2.02 4.84 1.09
C ALA A 190 3.48 5.14 1.44
N TRP A 191 4.24 4.09 1.63
CA TRP A 191 5.64 4.23 1.80
C TRP A 191 6.38 3.35 0.80
N GLN A 192 7.59 3.76 0.46
CA GLN A 192 8.52 2.82 -0.18
C GLN A 192 9.94 3.07 0.23
N CYS A 193 10.67 1.99 0.27
CA CYS A 193 12.09 2.04 0.57
C CYS A 193 12.86 2.17 -0.74
N LEU A 194 13.47 3.33 -0.91
CA LEU A 194 14.21 3.67 -2.13
C LEU A 194 15.58 3.08 -2.09
N GLN A 195 16.14 2.92 -0.89
CA GLN A 195 17.53 2.54 -0.69
C GLN A 195 17.56 1.97 0.70
N GLY A 196 18.09 0.77 0.86
CA GLY A 196 18.25 0.23 2.19
C GLY A 196 18.04 -1.26 2.22
N VAL A 197 18.09 -1.85 3.39
CA VAL A 197 17.82 -3.29 3.53
C VAL A 197 16.39 -3.63 3.10
N GLU A 198 15.45 -2.71 3.18
CA GLU A 198 14.10 -2.99 2.62
C GLU A 198 14.02 -2.53 1.13
N GLY A 199 15.15 -2.29 0.45
CA GLY A 199 15.12 -1.69 -0.88
C GLY A 199 14.12 -2.33 -1.86
N GLY A 200 13.25 -1.52 -2.45
CA GLY A 200 12.19 -2.03 -3.38
C GLY A 200 10.84 -2.42 -2.77
N LEU A 201 10.77 -2.50 -1.45
CA LEU A 201 9.54 -2.78 -0.78
C LEU A 201 8.68 -1.54 -0.61
N ALA A 202 7.39 -1.78 -0.48
CA ALA A 202 6.42 -0.69 -0.36
C ALA A 202 5.12 -1.24 0.19
N ASP A 203 4.39 -0.43 0.92
CA ASP A 203 3.05 -0.80 1.30
C ASP A 203 2.28 0.50 1.59
N VAL A 204 0.97 0.36 1.70
CA VAL A 204 0.12 1.38 2.27
C VAL A 204 -0.16 0.92 3.69
N ASP A 205 -0.16 1.84 4.63
CA ASP A 205 -0.54 1.48 6.00
C ASP A 205 -1.39 2.56 6.64
N ARG A 206 -2.13 2.14 7.64
CA ARG A 206 -2.95 3.01 8.46
C ARG A 206 -2.12 4.03 9.25
N CYS A 207 -2.59 5.29 9.30
CA CYS A 207 -1.78 6.28 9.94
C CYS A 207 -2.62 7.32 10.58
N HIS A 208 -1.95 8.23 11.27
CA HIS A 208 -2.58 9.31 12.12
C HIS A 208 -1.68 10.54 12.09
N TYR A 209 -2.26 11.73 11.86
CA TYR A 209 -1.50 12.97 11.77
C TYR A 209 -2.02 13.93 12.82
N PHE A 210 -1.11 14.56 13.55
CA PHE A 210 -1.47 15.62 14.51
C PHE A 210 -0.59 16.83 14.30
N LYS A 211 -1.10 18.02 14.59
CA LYS A 211 -0.26 19.22 14.49
C LYS A 211 0.23 19.65 15.86
N ALA A 213 2.78 22.16 16.22
CA ALA A 213 3.20 23.55 16.14
C ALA A 213 3.25 23.89 14.66
N ASP A 214 3.40 25.19 14.34
CA ASP A 214 3.58 25.63 12.97
C ASP A 214 4.65 24.78 12.27
N GLU A 215 4.27 24.11 11.17
CA GLU A 215 5.13 23.25 10.39
C GLU A 215 5.77 22.08 11.20
N LEU A 216 5.10 21.60 12.23
CA LEU A 216 5.60 20.48 13.05
C LEU A 216 4.48 19.51 13.32
N TYR A 217 4.71 18.26 12.93
CA TYR A 217 3.65 17.29 12.90
C TYR A 217 4.08 16.02 13.63
N LEU A 218 3.11 15.38 14.25
CA LEU A 218 3.33 14.07 14.85
C LEU A 218 2.64 13.08 13.91
N PHE A 219 3.42 12.15 13.39
CA PHE A 219 2.92 11.18 12.42
C PHE A 219 3.07 9.80 13.03
N VAL A 220 2.00 9.04 13.06
CA VAL A 220 2.01 7.69 13.69
C VAL A 220 1.51 6.70 12.66
N TRP A 221 2.20 5.59 12.49
CA TRP A 221 1.69 4.58 11.59
C TRP A 221 1.72 3.19 12.17
N ARG A 222 0.90 2.34 11.61
CA ARG A 222 0.69 1.03 12.13
C ARG A 222 0.66 0.02 11.01
N GLU A 223 1.64 -0.85 10.94
CA GLU A 223 1.85 -1.64 9.72
C GLU A 223 1.07 -2.94 9.79
N LYS A 224 0.63 -3.40 8.62
CA LYS A 224 -0.21 -4.57 8.56
C LYS A 224 0.46 -5.83 8.10
N VAL A 225 1.64 -5.73 7.52
CA VAL A 225 2.37 -6.96 7.06
C VAL A 225 3.34 -7.40 8.15
N VAL A 226 4.40 -6.63 8.42
CA VAL A 226 5.24 -6.90 9.55
C VAL A 226 4.74 -5.93 10.64
N PRO A 227 4.25 -6.45 11.79
CA PRO A 227 3.74 -5.59 12.86
C PRO A 227 4.75 -4.58 13.33
N THR A 228 4.42 -3.34 13.14
CA THR A 228 5.35 -2.29 13.40
C THR A 228 4.49 -1.08 13.81
N LEU A 229 5.01 -0.32 14.75
CA LEU A 229 4.49 0.98 15.14
C LEU A 229 5.58 2.00 14.88
N GLY A 230 5.29 2.99 14.08
CA GLY A 230 6.21 4.10 13.90
C GLY A 230 5.61 5.37 14.51
N VAL A 231 6.45 6.18 15.16
CA VAL A 231 6.09 7.48 15.79
C VAL A 231 7.20 8.48 15.44
N VAL A 232 6.87 9.48 14.69
CA VAL A 232 7.86 10.47 14.31
C VAL A 232 7.31 11.90 14.35
N LEU A 233 8.18 12.83 14.72
CA LEU A 233 7.91 14.24 14.60
C LEU A 233 8.57 14.73 13.30
N ILE A 234 7.80 15.38 12.46
CA ILE A 234 8.23 15.87 11.16
C ILE A 234 8.21 17.40 11.22
N ASP A 235 9.37 18.01 11.06
CA ASP A 235 9.54 19.48 11.18
C ASP A 235 9.83 19.94 9.76
N LEU A 236 8.86 20.53 9.11
CA LEU A 236 9.05 20.94 7.73
C LEU A 236 9.76 22.23 7.58
N ALA A 237 9.83 23.03 8.63
CA ALA A 237 10.68 24.24 8.60
C ALA A 237 12.16 23.89 8.63
N GLN A 238 12.53 22.97 9.52
CA GLN A 238 13.93 22.57 9.61
C GLN A 238 14.26 21.52 8.56
N ARG A 239 13.27 20.96 7.91
CA ARG A 239 13.40 19.80 7.03
C ARG A 239 14.10 18.61 7.70
N LYS A 240 13.61 18.26 8.88
CA LYS A 240 14.22 17.22 9.71
C LYS A 240 13.13 16.44 10.46
N THR A 241 13.37 15.18 10.71
CA THR A 241 12.46 14.36 11.50
C THR A 241 13.22 13.63 12.64
N ASP A 242 12.48 13.21 13.64
CA ASP A 242 13.00 12.61 14.86
C ASP A 242 11.91 11.65 15.34
N GLY A 243 12.22 10.40 15.54
CA GLY A 243 11.21 9.51 16.06
C GLY A 243 11.71 8.13 16.40
N LYS A 244 10.81 7.16 16.34
CA LYS A 244 11.19 5.79 16.66
C LYS A 244 10.37 4.76 15.89
N ILE A 245 10.86 3.55 15.83
CA ILE A 245 10.19 2.42 15.26
C ILE A 245 10.20 1.35 16.32
N PHE A 246 9.06 0.67 16.50
CA PHE A 246 8.86 -0.33 17.55
C PHE A 246 8.27 -1.59 16.92
N GLY A 247 8.88 -2.75 17.17
CA GLY A 247 8.33 -3.97 16.61
C GLY A 247 8.95 -5.16 17.34
N TYR A 248 8.69 -6.37 16.87
CA TYR A 248 9.37 -7.53 17.46
C TYR A 248 10.72 -7.67 16.80
N GLN A 249 11.71 -8.11 17.55
CA GLN A 249 13.03 -8.28 16.98
C GLN A 249 12.98 -9.30 15.84
N GLY A 250 12.25 -10.38 16.08
CA GLY A 250 12.12 -11.46 15.13
C GLY A 250 10.69 -11.80 14.82
N GLY A 251 10.49 -12.98 14.25
CA GLY A 251 9.16 -13.43 13.85
C GLY A 251 8.53 -14.34 14.90
N ASP A 252 9.12 -14.38 16.10
CA ASP A 252 8.69 -15.29 17.19
C ASP A 252 7.96 -14.58 18.34
N PHE A 253 7.59 -13.31 18.17
CA PHE A 253 6.77 -12.64 19.16
C PHE A 253 7.41 -12.57 20.53
N GLY A 254 8.74 -12.43 20.60
CA GLY A 254 9.45 -12.48 21.89
C GLY A 254 10.08 -11.11 22.14
N THR A 255 11.39 -11.02 22.02
CA THR A 255 12.12 -9.82 22.29
C THR A 255 11.64 -8.68 21.40
N LEU A 256 11.64 -7.50 21.98
CA LEU A 256 11.14 -6.26 21.33
C LEU A 256 12.30 -5.45 20.76
N SER A 257 12.02 -4.72 19.67
CA SER A 257 13.01 -3.85 19.09
C SER A 257 12.40 -2.45 19.10
N ASN A 258 13.14 -1.44 19.58
CA ASN A 258 12.59 -0.09 19.70
C ASN A 258 13.76 0.81 19.42
N PHE A 259 13.79 1.43 18.26
CA PHE A 259 15.02 2.12 17.93
C PHE A 259 14.73 3.50 17.39
N GLN A 260 15.65 4.41 17.68
CA GLN A 260 15.56 5.82 17.23
C GLN A 260 15.74 5.98 15.75
N ILE A 261 14.99 6.87 15.11
CA ILE A 261 15.26 7.20 13.72
C ILE A 261 15.26 8.72 13.57
N GLY A 262 15.93 9.22 12.54
CA GLY A 262 15.88 10.63 12.21
C GLY A 262 16.34 10.80 10.79
N ALA A 263 15.77 11.76 10.09
CA ALA A 263 16.07 11.92 8.69
C ALA A 263 16.07 13.39 8.28
N TYR A 264 16.75 13.67 7.18
CA TYR A 264 16.60 14.91 6.42
C TYR A 264 15.42 14.70 5.49
N ALA A 265 14.56 15.68 5.42
CA ALA A 265 13.28 15.57 4.74
C ALA A 265 13.36 16.42 3.49
N GLN A 266 12.81 15.93 2.41
CA GLN A 266 12.67 16.79 1.26
C GLN A 266 11.29 16.53 0.63
N VAL A 267 10.46 17.57 0.56
CA VAL A 267 9.13 17.53 -0.04
C VAL A 267 9.29 17.53 -1.56
N LEU A 268 8.93 16.45 -2.20
CA LEU A 268 9.20 16.31 -3.61
C LEU A 268 8.09 16.95 -4.45
N ASN A 269 6.85 16.82 -4.03
CA ASN A 269 5.75 17.51 -4.67
C ASN A 269 4.51 17.47 -3.84
N GLU A 270 3.53 18.28 -4.27
CA GLU A 270 2.20 18.32 -3.70
C GLU A 270 1.17 18.05 -4.74
N THR A 271 0.28 17.09 -4.47
CA THR A 271 -0.69 16.71 -5.45
C THR A 271 -2.10 17.19 -5.05
N VAL A 272 -2.78 17.78 -6.00
CA VAL A 272 -4.12 18.30 -5.82
C VAL A 272 -5.00 17.55 -6.79
N HIS A 273 -6.09 16.98 -6.32
CA HIS A 273 -7.01 16.24 -7.19
C HIS A 273 -8.17 17.13 -7.62
N PRO A 274 -8.28 17.43 -8.92
CA PRO A 274 -9.42 18.29 -9.32
C PRO A 274 -10.77 17.61 -9.06
N PRO B 10 -12.15 3.65 5.87
CA PRO B 10 -12.73 2.68 6.79
C PRO B 10 -13.00 1.26 6.23
N VAL B 11 -13.68 1.11 5.08
CA VAL B 11 -14.32 -0.23 4.74
C VAL B 11 -14.03 -0.86 3.36
N PHE B 12 -13.37 -2.03 3.32
CA PHE B 12 -13.18 -2.73 2.04
C PHE B 12 -14.47 -3.45 1.56
N ILE B 13 -14.67 -3.51 0.24
CA ILE B 13 -15.82 -4.18 -0.36
C ILE B 13 -15.43 -5.35 -1.28
N GLN B 14 -16.42 -6.19 -1.56
CA GLN B 14 -16.24 -7.37 -2.38
C GLN B 14 -16.27 -6.93 -3.85
N VAL B 15 -15.68 -7.73 -4.71
CA VAL B 15 -15.59 -7.33 -6.12
C VAL B 15 -16.96 -7.18 -6.78
N GLY B 16 -17.93 -8.02 -6.38
CA GLY B 16 -19.29 -7.90 -6.89
C GLY B 16 -19.92 -6.52 -6.60
N ALA B 17 -19.62 -5.97 -5.44
CA ALA B 17 -20.08 -4.61 -5.12
C ALA B 17 -19.34 -3.54 -5.92
N LEU B 18 -18.08 -3.80 -6.18
CA LEU B 18 -17.29 -2.88 -6.97
C LEU B 18 -17.88 -2.90 -8.41
N ALA B 19 -18.19 -4.08 -8.92
CA ALA B 19 -18.79 -4.18 -10.25
C ALA B 19 -20.04 -3.34 -10.37
N ASP B 20 -20.91 -3.44 -9.34
CA ASP B 20 -22.16 -2.65 -9.31
C ASP B 20 -21.89 -1.15 -9.32
N GLY B 21 -20.89 -0.72 -8.56
CA GLY B 21 -20.51 0.70 -8.53
C GLY B 21 -19.93 1.20 -9.85
N PHE B 22 -19.20 0.34 -10.54
CA PHE B 22 -18.58 0.70 -11.82
C PHE B 22 -19.50 0.54 -13.03
N ALA B 23 -20.72 0.05 -12.84
CA ALA B 23 -21.60 -0.27 -13.97
C ALA B 23 -22.16 0.97 -14.70
N PRO B 24 -22.80 1.91 -13.99
CA PRO B 24 -23.53 2.98 -14.68
C PRO B 24 -22.62 4.10 -15.24
N GLU B 25 -22.90 4.51 -16.47
CA GLU B 25 -22.20 5.63 -17.13
C GLU B 25 -20.70 5.44 -17.17
N ALA B 26 -20.29 4.19 -17.33
CA ALA B 26 -18.88 3.86 -17.33
C ALA B 26 -18.20 4.36 -18.59
N ASN B 27 -16.94 4.74 -18.49
CA ASN B 27 -16.18 5.15 -19.64
C ASN B 27 -15.56 3.94 -20.40
N THR B 28 -16.36 2.90 -20.59
CA THR B 28 -15.88 1.71 -21.31
C THR B 28 -15.95 1.86 -22.83
N LEU B 29 -15.07 1.13 -23.52
CA LEU B 29 -15.11 1.08 -24.99
C LEU B 29 -16.16 0.09 -25.48
N ALA B 30 -16.76 0.38 -26.63
CA ALA B 30 -17.70 -0.54 -27.25
C ALA B 30 -16.97 -1.82 -27.71
N PRO B 31 -17.54 -2.98 -27.38
CA PRO B 31 -16.93 -4.14 -27.99
C PRO B 31 -17.10 -4.16 -29.50
N VAL B 32 -16.19 -4.84 -30.18
CA VAL B 32 -16.11 -4.72 -31.63
C VAL B 32 -16.16 -6.13 -32.16
N ASP B 33 -16.66 -6.25 -33.38
CA ASP B 33 -16.80 -7.55 -34.00
C ASP B 33 -15.79 -7.73 -35.12
N ALA B 34 -14.69 -6.97 -35.08
CA ALA B 34 -13.68 -6.97 -36.13
C ALA B 34 -13.02 -8.30 -36.37
N LEU B 35 -12.92 -9.15 -35.35
CA LEU B 35 -12.17 -10.40 -35.46
C LEU B 35 -13.07 -11.55 -35.83
N VAL B 36 -14.38 -11.32 -35.93
CA VAL B 36 -15.31 -12.40 -36.22
C VAL B 36 -14.87 -13.08 -37.49
N GLY B 37 -14.72 -14.38 -37.42
CA GLY B 37 -14.33 -15.21 -38.54
C GLY B 37 -12.84 -15.45 -38.66
N ARG B 38 -12.04 -14.81 -37.85
CA ARG B 38 -10.60 -14.96 -37.88
C ARG B 38 -10.18 -16.05 -36.90
N THR B 39 -9.14 -16.78 -37.29
CA THR B 39 -8.45 -17.67 -36.44
C THR B 39 -7.07 -17.05 -36.20
N LEU B 40 -6.72 -16.78 -34.96
CA LEU B 40 -5.41 -16.25 -34.61
C LEU B 40 -4.63 -17.34 -33.92
N ALA B 41 -3.50 -17.69 -34.49
CA ALA B 41 -2.63 -18.74 -34.01
C ALA B 41 -1.56 -18.11 -33.15
N LEU B 42 -1.74 -18.14 -31.84
CA LEU B 42 -0.78 -17.50 -30.93
C LEU B 42 0.36 -18.48 -30.63
N GLU B 43 1.52 -18.09 -31.15
CA GLU B 43 2.74 -18.86 -31.00
C GLU B 43 3.73 -18.13 -30.11
N ASP B 44 4.54 -18.89 -29.40
CA ASP B 44 5.71 -18.29 -28.74
C ASP B 44 6.98 -19.05 -29.09
N ALA B 45 8.08 -18.65 -28.50
CA ALA B 45 9.38 -19.28 -28.74
C ALA B 45 9.34 -20.74 -28.50
N SER B 46 8.54 -21.21 -27.56
CA SER B 46 8.49 -22.66 -27.31
C SER B 46 7.61 -23.47 -28.27
N GLY B 47 6.77 -22.82 -29.04
CA GLY B 47 5.90 -23.51 -29.98
C GLY B 47 4.50 -22.89 -29.88
N ALA B 48 3.49 -23.67 -30.22
CA ALA B 48 2.13 -23.18 -30.24
C ALA B 48 1.72 -22.94 -28.81
N TRP B 49 1.02 -21.85 -28.55
CA TRP B 49 0.41 -21.67 -27.27
C TRP B 49 -1.08 -21.97 -27.38
N ARG B 50 -1.88 -21.07 -27.96
CA ARG B 50 -3.29 -21.30 -28.00
C ARG B 50 -3.89 -20.62 -29.24
N VAL B 51 -4.67 -21.36 -30.01
CA VAL B 51 -5.32 -20.81 -31.21
C VAL B 51 -6.71 -20.33 -30.83
N HIS B 52 -7.08 -19.12 -31.26
CA HIS B 52 -8.38 -18.55 -30.95
C HIS B 52 -9.16 -18.23 -32.23
N THR B 53 -10.39 -18.72 -32.35
CA THR B 53 -11.30 -18.45 -33.47
C THR B 53 -12.49 -17.69 -32.99
N PHE B 54 -12.73 -16.57 -33.63
CA PHE B 54 -13.73 -15.62 -33.14
C PHE B 54 -15.03 -15.76 -33.88
N GLU B 55 -16.10 -15.65 -33.13
CA GLU B 55 -17.47 -15.62 -33.64
C GLU B 55 -18.22 -14.47 -32.93
N PRO B 56 -19.46 -14.20 -33.31
CA PRO B 56 -20.06 -13.00 -32.68
C PRO B 56 -20.25 -13.23 -31.18
N GLY B 57 -19.71 -12.34 -30.35
CA GLY B 57 -19.72 -12.45 -28.89
C GLY B 57 -18.96 -13.61 -28.21
N ALA B 58 -18.18 -14.44 -28.93
CA ALA B 58 -17.64 -15.66 -28.31
C ALA B 58 -16.37 -16.07 -29.11
N LEU B 59 -15.58 -16.98 -28.58
CA LEU B 59 -14.49 -17.58 -29.28
C LEU B 59 -14.41 -19.00 -28.92
N GLN B 60 -13.64 -19.73 -29.73
CA GLN B 60 -13.30 -21.14 -29.51
C GLN B 60 -11.81 -21.14 -29.40
N TRP B 61 -11.25 -21.86 -28.45
CA TRP B 61 -9.80 -21.93 -28.33
C TRP B 61 -9.30 -23.37 -28.29
N ARG B 62 -8.05 -23.57 -28.73
CA ARG B 62 -7.41 -24.89 -28.69
C ARG B 62 -6.00 -24.73 -28.20
N ASP B 63 -5.62 -25.48 -27.19
CA ASP B 63 -4.40 -25.32 -26.42
C ASP B 63 -3.53 -26.46 -26.87
N ALA B 64 -2.38 -26.12 -27.44
CA ALA B 64 -1.49 -27.12 -28.07
C ALA B 64 -0.88 -28.09 -27.08
N ALA B 65 -0.46 -27.54 -25.94
CA ALA B 65 0.39 -28.26 -24.98
C ALA B 65 -0.42 -29.17 -24.07
N THR B 66 -1.60 -28.70 -23.67
CA THR B 66 -2.54 -29.49 -22.86
C THR B 66 -3.49 -30.33 -23.73
N ASP B 67 -3.38 -30.18 -25.05
CA ASP B 67 -4.42 -30.58 -26.05
C ASP B 67 -5.92 -30.57 -25.66
N THR B 68 -6.37 -29.37 -25.37
CA THR B 68 -7.70 -29.13 -24.91
C THR B 68 -8.25 -27.91 -25.63
N GLY B 69 -9.55 -27.73 -25.53
CA GLY B 69 -10.17 -26.60 -26.15
C GLY B 69 -11.42 -26.21 -25.42
N GLY B 70 -11.99 -25.12 -25.81
CA GLY B 70 -13.30 -24.80 -25.30
C GLY B 70 -13.87 -23.65 -26.05
N ARG B 71 -15.15 -23.37 -25.82
CA ARG B 71 -15.83 -22.19 -26.28
C ARG B 71 -16.16 -21.26 -25.08
N ALA B 72 -16.08 -19.96 -25.24
CA ALA B 72 -16.47 -19.05 -24.18
C ALA B 72 -16.95 -17.75 -24.76
N PRO B 73 -17.83 -17.09 -24.04
CA PRO B 73 -18.13 -15.76 -24.44
C PRO B 73 -16.91 -14.88 -24.28
N CYS B 74 -16.79 -13.85 -25.08
CA CYS B 74 -15.65 -12.96 -24.88
C CYS B 74 -15.96 -11.56 -25.24
N ARG B 75 -15.09 -10.70 -24.78
CA ARG B 75 -15.10 -9.33 -25.13
C ARG B 75 -13.87 -9.02 -25.93
N VAL B 76 -14.07 -8.20 -26.96
CA VAL B 76 -13.00 -7.76 -27.83
C VAL B 76 -13.15 -6.26 -27.94
N THR B 77 -12.09 -5.53 -27.65
CA THR B 77 -12.13 -4.07 -27.73
C THR B 77 -10.86 -3.55 -28.38
N ARG B 78 -10.97 -2.36 -28.95
CA ARG B 78 -9.89 -1.79 -29.74
C ARG B 78 -9.58 -0.40 -29.31
N LEU B 79 -8.59 -0.22 -28.44
CA LEU B 79 -8.30 1.12 -27.91
C LEU B 79 -7.48 1.94 -28.88
N ARG B 80 -6.55 1.26 -29.48
CA ARG B 80 -5.73 1.89 -30.43
C ARG B 80 -5.80 1.08 -31.69
N ASP B 81 -5.79 1.76 -32.83
CA ASP B 81 -5.73 1.13 -34.12
C ASP B 81 -4.68 0.00 -34.26
N GLY B 82 -5.10 -1.09 -34.87
CA GLY B 82 -4.33 -2.31 -34.96
C GLY B 82 -4.25 -3.22 -33.74
N LEU B 83 -4.67 -2.72 -32.55
CA LEU B 83 -4.41 -3.44 -31.27
C LEU B 83 -5.71 -3.80 -30.65
N TYR B 84 -5.85 -5.06 -30.32
CA TYR B 84 -7.07 -5.61 -29.79
C TYR B 84 -6.82 -6.19 -28.40
N PHE B 85 -7.77 -5.94 -27.49
CA PHE B 85 -7.84 -6.53 -26.17
C PHE B 85 -8.96 -7.54 -26.14
N VAL B 86 -8.60 -8.78 -25.89
CA VAL B 86 -9.54 -9.91 -25.81
C VAL B 86 -9.56 -10.48 -24.38
N ASP B 87 -10.75 -10.72 -23.84
CA ASP B 87 -10.86 -11.19 -22.50
C ASP B 87 -11.93 -12.23 -22.40
N TYR B 88 -11.63 -13.29 -21.67
CA TYR B 88 -12.58 -14.33 -21.41
C TYR B 88 -12.27 -15.11 -20.14
N ILE B 89 -13.33 -15.70 -19.59
CA ILE B 89 -13.15 -16.66 -18.48
C ILE B 89 -12.96 -18.02 -19.07
N ASP B 90 -11.95 -18.73 -18.58
CA ASP B 90 -11.67 -20.03 -19.06
C ASP B 90 -12.37 -20.98 -18.09
N THR B 91 -13.57 -21.39 -18.50
CA THR B 91 -14.37 -22.28 -17.67
C THR B 91 -13.83 -23.67 -17.53
N THR B 92 -12.76 -24.03 -18.23
CA THR B 92 -12.25 -25.38 -18.05
C THR B 92 -11.39 -25.56 -16.82
N ALA B 93 -11.04 -24.47 -16.14
CA ALA B 93 -10.19 -24.51 -14.94
C ALA B 93 -10.91 -23.70 -13.89
N ARG B 94 -10.56 -23.91 -12.62
CA ARG B 94 -11.15 -23.16 -11.52
C ARG B 94 -10.70 -21.72 -11.57
N ALA B 95 -11.62 -20.79 -11.42
CA ALA B 95 -11.42 -19.36 -11.26
C ALA B 95 -10.29 -18.78 -12.07
N THR B 96 -10.32 -19.01 -13.38
CA THR B 96 -9.30 -18.56 -14.33
C THR B 96 -9.82 -17.61 -15.40
N SER B 97 -9.06 -16.55 -15.64
CA SER B 97 -9.31 -15.56 -16.63
C SER B 97 -8.11 -15.48 -17.61
N VAL B 98 -8.43 -15.19 -18.85
CA VAL B 98 -7.46 -15.08 -19.93
C VAL B 98 -7.70 -13.75 -20.62
N SER B 99 -6.63 -12.94 -20.67
CA SER B 99 -6.62 -11.68 -21.41
C SER B 99 -5.52 -11.67 -22.41
N LEU B 100 -5.84 -11.25 -23.65
CA LEU B 100 -4.90 -11.13 -24.71
C LEU B 100 -4.77 -9.72 -25.20
N VAL B 101 -3.55 -9.25 -25.44
CA VAL B 101 -3.36 -8.07 -26.29
C VAL B 101 -2.74 -8.52 -27.61
N ILE B 102 -3.44 -8.22 -28.71
CA ILE B 102 -3.04 -8.62 -30.04
C ILE B 102 -2.77 -7.44 -30.97
N ASP B 103 -1.55 -7.34 -31.48
CA ASP B 103 -1.22 -6.27 -32.40
C ASP B 103 -1.17 -6.86 -33.82
N LEU B 104 -2.20 -6.58 -34.58
CA LEU B 104 -2.33 -7.09 -35.94
C LEU B 104 -1.47 -6.33 -36.93
N ASP B 105 -0.94 -5.15 -36.57
CA ASP B 105 0.02 -4.47 -37.43
C ASP B 105 1.40 -5.12 -37.40
N ASN B 106 1.94 -5.33 -36.20
CA ASN B 106 3.24 -5.90 -35.96
C ASN B 106 3.28 -7.40 -35.72
N GLY B 107 2.13 -8.05 -35.60
CA GLY B 107 2.12 -9.50 -35.57
C GLY B 107 2.57 -10.08 -34.24
N VAL B 108 2.36 -9.38 -33.17
CA VAL B 108 2.83 -9.82 -31.85
C VAL B 108 1.72 -9.73 -30.81
N TRP B 109 1.88 -10.54 -29.77
CA TRP B 109 0.85 -10.70 -28.73
C TRP B 109 1.43 -10.93 -27.35
N THR B 110 0.62 -10.56 -26.34
CA THR B 110 0.83 -10.91 -24.95
C THR B 110 -0.46 -11.51 -24.38
N SER B 111 -0.30 -12.49 -23.53
CA SER B 111 -1.41 -13.12 -22.80
C SER B 111 -1.13 -13.10 -21.29
N VAL B 112 -2.18 -12.90 -20.52
CA VAL B 112 -2.17 -12.99 -19.07
C VAL B 112 -3.20 -14.04 -18.69
N VAL B 113 -2.76 -15.11 -18.08
CA VAL B 113 -3.65 -16.09 -17.53
C VAL B 113 -3.60 -15.95 -16.00
N GLY B 114 -4.75 -15.57 -15.43
CA GLY B 114 -4.79 -15.31 -13.99
C GLY B 114 -5.74 -16.24 -13.26
N THR B 115 -5.36 -16.65 -12.06
CA THR B 115 -6.14 -17.58 -11.22
C THR B 115 -6.43 -16.95 -9.88
N LEU B 116 -7.69 -16.96 -9.44
CA LEU B 116 -8.00 -16.52 -8.09
C LEU B 116 -7.72 -17.62 -7.07
N PRO B 117 -7.30 -17.22 -5.84
CA PRO B 117 -6.91 -18.16 -4.80
C PRO B 117 -8.08 -18.94 -4.22
N THR B 118 -7.78 -20.11 -3.70
CA THR B 118 -8.77 -20.82 -2.93
C THR B 118 -8.89 -20.19 -1.57
N GLU B 119 -9.94 -20.58 -0.86
CA GLU B 119 -10.16 -20.05 0.47
C GLU B 119 -8.99 -20.45 1.36
N ALA B 120 -8.53 -21.69 1.29
CA ALA B 120 -7.42 -22.12 2.15
C ALA B 120 -6.17 -21.21 1.94
N ASP B 121 -5.88 -20.91 0.69
CA ASP B 121 -4.75 -20.03 0.35
C ASP B 121 -4.90 -18.64 0.96
N THR B 122 -6.09 -18.05 0.92
CA THR B 122 -6.29 -16.67 1.47
C THR B 122 -6.15 -16.62 3.00
N ARG B 123 -6.37 -17.75 3.64
CA ARG B 123 -6.29 -17.86 5.09
C ARG B 123 -4.87 -17.92 5.61
N ILE B 124 -3.89 -18.11 4.73
CA ILE B 124 -2.50 -17.96 5.15
C ILE B 124 -2.27 -16.45 5.26
N ASP B 125 -2.14 -15.93 6.50
CA ASP B 125 -2.03 -14.49 6.70
C ASP B 125 -0.70 -13.89 6.18
N ALA B 126 -0.65 -12.57 6.02
CA ALA B 126 0.50 -11.89 5.51
C ALA B 126 1.81 -12.14 6.30
N PHE B 127 1.76 -12.10 7.64
CA PHE B 127 2.98 -12.32 8.43
C PHE B 127 3.53 -13.72 8.28
N THR B 128 2.65 -14.72 8.14
CA THR B 128 3.09 -16.08 7.89
C THR B 128 3.72 -16.17 6.50
N ARG B 129 3.16 -15.46 5.53
CA ARG B 129 3.71 -15.45 4.19
C ARG B 129 5.13 -14.87 4.19
N VAL B 130 5.31 -13.81 4.95
CA VAL B 130 6.60 -13.22 5.18
C VAL B 130 7.54 -14.26 5.78
N ALA B 131 7.13 -14.98 6.80
CA ALA B 131 8.03 -15.93 7.42
C ALA B 131 8.41 -17.09 6.49
N ARG B 132 7.49 -17.51 5.64
CA ARG B 132 7.78 -18.53 4.61
C ARG B 132 8.35 -18.06 3.28
N GLY B 133 8.50 -16.75 3.04
CA GLY B 133 8.97 -16.26 1.73
C GLY B 133 7.98 -16.41 0.57
N LEU B 134 6.69 -16.41 0.89
CA LEU B 134 5.65 -16.54 -0.09
C LEU B 134 5.25 -15.14 -0.56
N PRO B 135 4.66 -15.05 -1.74
CA PRO B 135 4.11 -13.73 -2.12
C PRO B 135 2.98 -13.35 -1.18
N LEU B 136 2.72 -12.03 -1.02
CA LEU B 136 1.65 -11.59 -0.16
C LEU B 136 0.32 -11.77 -0.87
N THR B 137 0.30 -11.59 -2.19
CA THR B 137 -0.92 -11.84 -2.97
C THR B 137 -0.96 -13.30 -3.33
N ALA B 138 -2.14 -13.89 -3.19
CA ALA B 138 -2.39 -15.26 -3.56
C ALA B 138 -2.96 -15.39 -5.03
N VAL B 139 -3.28 -14.26 -5.65
CA VAL B 139 -3.67 -14.23 -7.01
C VAL B 139 -2.43 -14.52 -7.89
N ASP B 140 -2.58 -15.45 -8.81
CA ASP B 140 -1.51 -15.90 -9.67
C ASP B 140 -1.68 -15.32 -11.06
N ALA B 141 -0.59 -14.96 -11.70
CA ALA B 141 -0.65 -14.47 -13.09
C ALA B 141 0.52 -14.99 -13.86
N GLN B 142 0.26 -15.63 -15.01
N GLN B 142 0.23 -15.62 -15.01
CA GLN B 142 1.35 -16.10 -15.86
CA GLN B 142 1.26 -16.15 -15.92
C GLN B 142 1.27 -15.36 -17.18
C GLN B 142 1.25 -15.32 -17.19
N PHE B 143 2.42 -14.88 -17.63
CA PHE B 143 2.52 -14.07 -18.83
C PHE B 143 3.26 -14.82 -19.94
N ARG B 144 2.77 -14.62 -21.15
CA ARG B 144 3.39 -15.07 -22.36
C ARG B 144 3.47 -13.95 -23.39
N HIS B 145 4.54 -13.93 -24.16
CA HIS B 145 4.67 -13.02 -25.29
C HIS B 145 5.08 -13.81 -26.53
N GLY B 146 4.48 -13.52 -27.67
CA GLY B 146 4.76 -14.25 -28.88
C GLY B 146 4.44 -13.50 -30.15
N THR B 147 4.49 -14.23 -31.25
CA THR B 147 4.13 -13.77 -32.58
C THR B 147 2.88 -14.49 -33.07
N LEU B 148 2.26 -13.90 -34.05
CA LEU B 148 1.07 -14.45 -34.67
C LEU B 148 1.48 -15.32 -35.80
N GLY B 149 0.95 -16.53 -35.80
CA GLY B 149 1.28 -17.54 -36.83
C GLY B 149 0.84 -17.06 -38.18
N GLY B 150 1.71 -17.18 -39.16
CA GLY B 150 1.37 -16.74 -40.48
C GLY B 150 1.61 -15.26 -40.72
N HIS B 151 1.93 -14.50 -39.70
CA HIS B 151 2.20 -13.08 -39.85
C HIS B 151 3.61 -12.86 -40.34
N ALA B 152 3.77 -12.27 -41.52
CA ALA B 152 5.09 -12.06 -42.08
C ALA B 152 5.88 -11.00 -41.36
N ARG B 153 7.14 -11.31 -41.07
CA ARG B 153 8.10 -10.40 -40.51
C ARG B 153 7.52 -9.67 -39.26
N PRO B 154 7.16 -10.46 -38.22
CA PRO B 154 6.63 -9.85 -36.99
C PRO B 154 7.66 -8.99 -36.26
N GLY B 155 7.14 -7.97 -35.58
CA GLY B 155 7.91 -6.85 -34.98
C GLY B 155 8.49 -7.36 -33.70
N PRO B 156 9.13 -6.49 -32.91
CA PRO B 156 9.75 -7.01 -31.68
C PRO B 156 8.70 -7.46 -30.70
N LEU B 157 9.06 -8.42 -29.87
CA LEU B 157 8.13 -8.94 -28.88
C LEU B 157 7.79 -7.85 -27.86
N HIS B 158 6.61 -7.93 -27.29
CA HIS B 158 6.34 -7.17 -26.09
C HIS B 158 7.31 -7.55 -25.02
N ALA B 159 7.63 -6.58 -24.16
CA ALA B 159 8.48 -6.86 -23.02
C ALA B 159 8.18 -5.97 -21.84
N PRO B 160 8.73 -6.31 -20.66
CA PRO B 160 8.54 -5.42 -19.53
C PRO B 160 9.11 -4.05 -19.77
N THR B 161 8.61 -3.08 -19.03
CA THR B 161 8.99 -1.69 -19.23
C THR B 161 9.05 -0.98 -17.87
N ARG B 162 9.96 -0.02 -17.81
CA ARG B 162 10.03 0.94 -16.70
C ARG B 162 9.38 2.29 -16.98
N GLU B 163 8.71 2.46 -18.12
CA GLU B 163 8.26 3.81 -18.49
C GLU B 163 7.16 4.46 -17.65
N LEU B 164 6.33 3.69 -16.95
CA LEU B 164 5.30 4.27 -16.07
C LEU B 164 5.81 4.60 -14.65
N ILE B 165 6.98 4.06 -14.30
CA ILE B 165 7.52 4.21 -12.97
C ILE B 165 7.76 5.66 -12.75
N GLY B 166 7.18 6.16 -11.67
CA GLY B 166 7.34 7.56 -11.29
C GLY B 166 6.14 8.41 -11.64
N LYS B 167 5.20 7.90 -12.40
CA LYS B 167 4.02 8.67 -12.74
C LYS B 167 3.00 8.50 -11.66
N ARG B 168 2.25 9.55 -11.45
CA ARG B 168 1.05 9.54 -10.66
C ARG B 168 -0.13 9.94 -11.52
N THR B 169 -1.10 9.03 -11.67
CA THR B 169 -2.17 9.26 -12.66
C THR B 169 -3.54 9.09 -12.09
N TYR B 171 -7.57 8.27 -12.85
CA TYR B 171 -8.42 7.55 -13.81
C TYR B 171 -9.87 7.72 -13.41
N ARG B 172 -10.65 8.41 -14.24
CA ARG B 172 -12.08 8.58 -14.05
C ARG B 172 -12.81 7.51 -14.81
N TYR B 173 -13.35 6.56 -14.08
CA TYR B 173 -14.01 5.40 -14.65
C TYR B 173 -15.47 5.69 -15.01
N SER B 174 -16.02 6.70 -14.36
CA SER B 174 -17.39 7.15 -14.58
C SER B 174 -17.59 8.44 -13.80
N PRO B 175 -18.74 9.08 -13.96
CA PRO B 175 -18.98 10.25 -13.12
C PRO B 175 -18.89 10.09 -11.60
N THR B 176 -19.06 8.87 -11.09
CA THR B 176 -19.07 8.63 -9.67
C THR B 176 -17.87 7.78 -9.18
N GLU B 177 -16.99 7.33 -10.08
CA GLU B 177 -15.87 6.46 -9.74
C GLU B 177 -14.52 7.00 -10.27
N CYS B 178 -13.59 7.24 -9.36
CA CYS B 178 -12.33 7.86 -9.69
C CYS B 178 -11.25 7.35 -8.71
N TYR B 179 -10.15 6.85 -9.29
CA TYR B 179 -9.01 6.34 -8.55
C TYR B 179 -7.79 7.07 -9.05
N GLU B 180 -6.73 7.04 -8.24
CA GLU B 180 -5.43 7.38 -8.72
C GLU B 180 -4.48 6.18 -8.52
N HIS B 181 -3.51 6.09 -9.42
CA HIS B 181 -2.41 5.11 -9.29
C HIS B 181 -1.10 5.85 -9.17
N ILE B 182 -0.21 5.35 -8.31
CA ILE B 182 1.12 5.85 -8.18
C ILE B 182 2.05 4.69 -8.45
N TYR B 183 2.76 4.78 -9.56
CA TYR B 183 3.57 3.70 -10.02
C TYR B 183 4.91 3.81 -9.32
N LEU B 184 5.02 3.11 -8.21
CA LEU B 184 6.16 3.30 -7.32
C LEU B 184 7.48 2.75 -7.85
N ASN B 185 7.50 1.50 -8.26
CA ASN B 185 8.68 0.78 -8.73
C ASN B 185 8.30 -0.41 -9.59
N GLU B 186 9.27 -1.19 -10.04
CA GLU B 186 9.02 -2.28 -10.96
C GLU B 186 8.08 -3.38 -10.45
N ASN B 187 7.96 -3.54 -9.13
CA ASN B 187 7.08 -4.57 -8.52
C ASN B 187 5.75 -4.10 -7.89
N PHE B 188 5.63 -2.83 -7.56
CA PHE B 188 4.58 -2.34 -6.72
C PHE B 188 4.06 -0.97 -7.22
N TYR B 189 2.76 -0.77 -6.98
CA TYR B 189 2.10 0.51 -7.13
C TYR B 189 1.15 0.74 -5.96
N ALA B 190 0.82 1.99 -5.70
CA ALA B 190 -0.23 2.37 -4.75
C ALA B 190 -1.43 2.88 -5.53
N TRP B 191 -2.60 2.61 -4.99
CA TRP B 191 -3.83 3.09 -5.48
C TRP B 191 -4.59 3.70 -4.32
N GLN B 192 -5.47 4.62 -4.66
CA GLN B 192 -6.41 5.19 -3.74
C GLN B 192 -7.70 5.47 -4.52
N CYS B 193 -8.85 5.20 -3.89
CA CYS B 193 -10.15 5.58 -4.43
C CYS B 193 -10.53 6.99 -3.99
N LEU B 194 -10.50 7.92 -4.93
CA LEU B 194 -10.76 9.30 -4.68
C LEU B 194 -12.30 9.54 -4.56
N GLN B 195 -13.08 8.79 -5.32
CA GLN B 195 -14.52 8.93 -5.36
C GLN B 195 -15.08 7.60 -5.76
N GLY B 196 -16.09 7.15 -5.02
CA GLY B 196 -16.74 5.90 -5.32
C GLY B 196 -17.16 5.12 -4.10
N VAL B 197 -17.66 3.92 -4.35
CA VAL B 197 -18.07 3.02 -3.29
C VAL B 197 -16.88 2.60 -2.39
N GLU B 198 -15.66 2.65 -2.88
CA GLU B 198 -14.47 2.47 -2.03
C GLU B 198 -13.84 3.78 -1.57
N GLY B 199 -14.59 4.89 -1.63
CA GLY B 199 -14.00 6.17 -1.34
C GLY B 199 -13.15 6.18 -0.06
N GLY B 200 -11.95 6.76 -0.17
CA GLY B 200 -11.00 6.83 0.92
C GLY B 200 -10.16 5.59 1.19
N LEU B 201 -10.43 4.50 0.49
CA LEU B 201 -9.62 3.31 0.62
C LEU B 201 -8.35 3.41 -0.18
N ALA B 202 -7.31 2.72 0.27
CA ALA B 202 -6.06 2.65 -0.49
C ALA B 202 -5.30 1.41 -0.17
N ASP B 203 -4.43 0.98 -1.07
CA ASP B 203 -3.43 0.00 -0.76
C ASP B 203 -2.28 0.10 -1.76
N VAL B 204 -1.26 -0.67 -1.46
CA VAL B 204 -0.25 -1.04 -2.41
C VAL B 204 -0.48 -2.49 -2.84
N ASP B 205 -0.31 -2.75 -4.14
CA ASP B 205 -0.40 -4.10 -4.62
C ASP B 205 0.69 -4.41 -5.64
N ARG B 206 0.96 -5.69 -5.76
CA ARG B 206 1.95 -6.28 -6.67
C ARG B 206 1.51 -6.03 -8.09
N CYS B 207 2.42 -5.51 -8.92
CA CYS B 207 2.03 -5.26 -10.29
C CYS B 207 3.10 -5.64 -11.31
N HIS B 208 2.70 -5.58 -12.57
CA HIS B 208 3.53 -5.89 -13.71
C HIS B 208 3.30 -4.87 -14.85
N TYR B 209 4.37 -4.43 -15.48
CA TYR B 209 4.24 -3.40 -16.54
C TYR B 209 4.86 -3.91 -17.84
N PHE B 210 4.14 -3.76 -18.95
CA PHE B 210 4.69 -4.12 -20.26
C PHE B 210 4.38 -3.04 -21.24
N LYS B 211 5.27 -2.88 -22.19
CA LYS B 211 5.12 -1.86 -23.22
C LYS B 211 4.59 -2.48 -24.53
N ALA B 213 3.33 -0.44 -27.26
CA ALA B 213 3.63 0.45 -28.38
C ALA B 213 4.03 1.76 -27.74
N ASP B 214 4.39 2.74 -28.54
CA ASP B 214 4.75 4.04 -28.00
C ASP B 214 3.59 4.57 -27.13
N GLU B 215 3.88 4.89 -25.87
CA GLU B 215 2.88 5.46 -24.90
C GLU B 215 1.63 4.56 -24.71
N LEU B 216 1.84 3.26 -24.91
CA LEU B 216 0.79 2.27 -24.71
C LEU B 216 1.31 1.12 -23.87
N TYR B 217 0.68 0.92 -22.73
CA TYR B 217 1.21 -0.05 -21.76
C TYR B 217 0.18 -1.06 -21.35
N LEU B 218 0.62 -2.25 -20.99
CA LEU B 218 -0.25 -3.22 -20.38
C LEU B 218 0.18 -3.26 -18.94
N PHE B 219 -0.77 -2.99 -18.06
CA PHE B 219 -0.58 -2.98 -16.59
C PHE B 219 -1.47 -4.05 -16.00
N VAL B 220 -0.92 -4.87 -15.13
CA VAL B 220 -1.59 -5.99 -14.52
C VAL B 220 -1.31 -5.87 -13.05
N TRP B 221 -2.32 -6.03 -12.22
CA TRP B 221 -2.11 -6.05 -10.81
C TRP B 221 -2.82 -7.18 -10.08
N ARG B 222 -2.31 -7.54 -8.93
CA ARG B 222 -2.83 -8.66 -8.17
C ARG B 222 -2.99 -8.28 -6.70
N GLU B 223 -4.22 -8.15 -6.24
CA GLU B 223 -4.50 -7.59 -4.92
C GLU B 223 -4.35 -8.58 -3.79
N LYS B 224 -3.93 -8.09 -2.63
CA LYS B 224 -3.62 -8.95 -1.50
C LYS B 224 -4.67 -8.94 -0.40
N VAL B 225 -5.56 -7.95 -0.38
CA VAL B 225 -6.62 -7.88 0.65
C VAL B 225 -7.89 -8.59 0.12
N VAL B 226 -8.57 -8.00 -0.85
CA VAL B 226 -9.67 -8.62 -1.52
C VAL B 226 -9.06 -9.21 -2.80
N PRO B 227 -9.03 -10.54 -2.93
CA PRO B 227 -8.41 -11.15 -4.12
C PRO B 227 -9.03 -10.65 -5.43
N THR B 228 -8.17 -10.11 -6.26
CA THR B 228 -8.61 -9.39 -7.43
C THR B 228 -7.48 -9.43 -8.40
N LEU B 229 -7.79 -9.63 -9.69
CA LEU B 229 -6.85 -9.43 -10.81
C LEU B 229 -7.30 -8.29 -11.65
N GLY B 230 -6.43 -7.31 -11.87
CA GLY B 230 -6.71 -6.25 -12.83
C GLY B 230 -5.77 -6.26 -14.04
N VAL B 231 -6.33 -6.12 -15.22
CA VAL B 231 -5.60 -6.12 -16.49
C VAL B 231 -6.06 -4.91 -17.32
N VAL B 232 -5.19 -3.99 -17.64
CA VAL B 232 -5.64 -2.79 -18.33
C VAL B 232 -4.60 -2.26 -19.30
N LEU B 233 -5.07 -1.78 -20.45
CA LEU B 233 -4.24 -1.10 -21.37
C LEU B 233 -4.35 0.38 -21.00
N ILE B 234 -3.22 1.03 -20.93
CA ILE B 234 -3.11 2.42 -20.61
C ILE B 234 -2.45 3.14 -21.80
N ASP B 235 -3.22 4.03 -22.40
CA ASP B 235 -2.81 4.74 -23.59
C ASP B 235 -2.63 6.18 -23.15
N LEU B 236 -1.38 6.56 -22.92
CA LEU B 236 -1.11 7.87 -22.44
C LEU B 236 -1.20 8.88 -23.56
N ALA B 237 -1.10 8.47 -24.80
CA ALA B 237 -1.23 9.41 -25.96
C ALA B 237 -2.71 9.86 -26.05
N GLN B 238 -3.61 8.91 -25.98
CA GLN B 238 -5.03 9.16 -26.08
C GLN B 238 -5.65 9.51 -24.73
N ARG B 239 -4.92 9.34 -23.63
CA ARG B 239 -5.43 9.65 -22.31
C ARG B 239 -6.65 8.83 -21.90
N LYS B 240 -6.57 7.54 -22.19
CA LYS B 240 -7.69 6.62 -22.02
C LYS B 240 -7.13 5.24 -21.67
N THR B 241 -7.93 4.45 -20.97
CA THR B 241 -7.55 3.09 -20.58
C THR B 241 -8.73 2.15 -20.91
N ASP B 242 -8.46 0.86 -21.01
CA ASP B 242 -9.46 -0.13 -21.38
C ASP B 242 -8.98 -1.45 -20.73
N GLY B 243 -9.81 -2.11 -19.95
CA GLY B 243 -9.38 -3.37 -19.41
C GLY B 243 -10.51 -4.07 -18.69
N LYS B 244 -10.14 -4.81 -17.65
CA LYS B 244 -11.06 -5.60 -16.86
C LYS B 244 -10.62 -5.81 -15.46
N ILE B 245 -11.58 -6.14 -14.58
CA ILE B 245 -11.30 -6.54 -13.22
C ILE B 245 -12.02 -7.91 -13.01
N PHE B 246 -11.35 -8.81 -12.31
CA PHE B 246 -11.74 -10.16 -12.13
C PHE B 246 -11.57 -10.48 -10.62
N GLY B 247 -12.62 -11.03 -10.03
CA GLY B 247 -12.51 -11.50 -8.65
C GLY B 247 -13.74 -12.29 -8.33
N TYR B 248 -13.95 -12.59 -7.06
CA TYR B 248 -15.17 -13.26 -6.67
C TYR B 248 -16.26 -12.25 -6.45
N GLN B 249 -17.48 -12.65 -6.77
CA GLN B 249 -18.59 -11.75 -6.50
C GLN B 249 -18.69 -11.37 -5.04
N GLY B 250 -18.59 -12.38 -4.18
CA GLY B 250 -18.68 -12.19 -2.77
C GLY B 250 -17.53 -12.82 -2.04
N GLY B 251 -17.69 -13.00 -0.72
CA GLY B 251 -16.63 -13.54 0.15
C GLY B 251 -16.67 -15.05 0.37
N ASP B 252 -17.40 -15.77 -0.50
CA ASP B 252 -17.70 -17.20 -0.36
C ASP B 252 -17.02 -18.10 -1.43
N PHE B 253 -16.11 -17.54 -2.22
CA PHE B 253 -15.33 -18.31 -3.20
C PHE B 253 -16.22 -19.05 -4.19
N GLY B 254 -17.30 -18.38 -4.57
CA GLY B 254 -18.35 -19.00 -5.39
C GLY B 254 -18.34 -18.32 -6.74
N THR B 255 -19.39 -17.57 -7.04
CA THR B 255 -19.56 -16.92 -8.34
C THR B 255 -18.47 -15.91 -8.62
N LEU B 256 -18.05 -15.85 -9.87
CA LEU B 256 -17.01 -14.90 -10.33
C LEU B 256 -17.57 -13.61 -10.89
N SER B 257 -16.85 -12.52 -10.66
CA SER B 257 -17.16 -11.22 -11.31
C SER B 257 -16.05 -10.91 -12.25
N ASN B 258 -16.39 -10.56 -13.48
CA ASN B 258 -15.40 -10.15 -14.47
C ASN B 258 -16.05 -9.06 -15.27
N PHE B 259 -15.58 -7.82 -15.14
CA PHE B 259 -16.30 -6.72 -15.69
C PHE B 259 -15.34 -5.76 -16.37
N GLN B 260 -15.86 -5.18 -17.43
CA GLN B 260 -15.10 -4.19 -18.19
C GLN B 260 -14.95 -2.87 -17.48
N ILE B 261 -13.76 -2.29 -17.59
CA ILE B 261 -13.48 -0.94 -17.10
C ILE B 261 -12.88 -0.10 -18.19
N GLY B 262 -13.06 1.19 -18.08
CA GLY B 262 -12.36 2.12 -18.94
C GLY B 262 -12.38 3.48 -18.33
N ALA B 263 -11.29 4.21 -18.47
CA ALA B 263 -11.15 5.47 -17.78
C ALA B 263 -10.56 6.56 -18.60
N TYR B 264 -10.93 7.80 -18.31
CA TYR B 264 -10.24 8.93 -18.82
C TYR B 264 -9.06 9.15 -17.88
N ALA B 265 -7.88 9.26 -18.43
CA ALA B 265 -6.58 9.31 -17.68
C ALA B 265 -6.02 10.70 -17.67
N GLN B 266 -5.41 11.10 -16.56
CA GLN B 266 -4.71 12.37 -16.52
C GLN B 266 -3.50 12.20 -15.64
N VAL B 267 -2.32 12.44 -16.20
CA VAL B 267 -1.10 12.36 -15.40
C VAL B 267 -0.99 13.59 -14.52
N LEU B 268 -0.89 13.40 -13.20
CA LEU B 268 -0.91 14.50 -12.22
C LEU B 268 0.51 15.01 -11.97
N ASN B 269 1.48 14.12 -11.85
CA ASN B 269 2.90 14.53 -11.83
C ASN B 269 3.85 13.36 -12.08
N GLU B 270 5.12 13.70 -12.33
CA GLU B 270 6.21 12.73 -12.45
C GLU B 270 7.24 12.99 -11.33
N THR B 271 7.67 11.94 -10.66
CA THR B 271 8.54 12.08 -9.49
C THR B 271 9.84 11.39 -9.82
N VAL B 272 10.92 12.13 -9.74
CA VAL B 272 12.25 11.63 -9.91
C VAL B 272 12.92 11.69 -8.55
N HIS B 273 13.56 10.62 -8.15
CA HIS B 273 14.25 10.57 -6.86
C HIS B 273 15.74 10.86 -7.04
N PRO B 274 16.21 11.98 -6.48
CA PRO B 274 17.62 12.37 -6.68
C PRO B 274 18.65 11.24 -6.57
#